data_4G0M
#
_entry.id   4G0M
#
_cell.length_a   67.647
_cell.length_b   67.647
_cell.length_c   223.222
_cell.angle_alpha   90.00
_cell.angle_beta   90.00
_cell.angle_gamma   90.00
#
_symmetry.space_group_name_H-M   'P 43 21 2'
#
loop_
_entity.id
_entity.type
_entity.pdbx_description
1 polymer 'Protein argonaute 2'
2 non-polymer 'SULFATE ION'
3 water water
#
_entity_poly.entity_id   1
_entity_poly.type   'polypeptide(L)'
_entity_poly.pdbx_seq_one_letter_code
;SKKGVTRGSIVKHWAVLDFTASERFNKMPNDFVDNLIDRCWRLGMQMEAPIVYKTSRMETLSNGNAIEELLRSVIDEASR
KHGGARPTLVLCAMSRKDDGYKTLKWIAETKLGLVTQCFLTGPATKGGDQYRANLALKMNAKVGGSNVEL
;
_entity_poly.pdbx_strand_id   A,B
#
loop_
_chem_comp.id
_chem_comp.type
_chem_comp.name
_chem_comp.formula
SO4 non-polymer 'SULFATE ION' 'O4 S -2'
#
# COMPACT_ATOMS: atom_id res chain seq x y z
N SER A 9 -14.23 1.65 16.06
CA SER A 9 -13.06 0.84 16.39
C SER A 9 -12.04 0.69 15.24
N ILE A 10 -12.54 0.71 14.01
CA ILE A 10 -11.70 0.54 12.84
C ILE A 10 -11.54 1.84 12.07
N VAL A 11 -10.31 2.18 11.70
CA VAL A 11 -10.08 3.31 10.80
C VAL A 11 -10.38 2.88 9.36
N LYS A 12 -11.60 3.12 8.89
CA LYS A 12 -12.04 2.63 7.57
C LYS A 12 -11.58 3.52 6.41
N HIS A 13 -11.55 4.84 6.66
CA HIS A 13 -11.30 5.81 5.60
C HIS A 13 -10.15 6.75 5.92
N TRP A 14 -9.00 6.51 5.32
CA TRP A 14 -7.89 7.43 5.49
C TRP A 14 -7.06 7.48 4.22
N ALA A 15 -6.07 8.37 4.20
CA ALA A 15 -5.33 8.60 2.97
C ALA A 15 -3.86 8.81 3.25
N VAL A 16 -3.05 8.62 2.23
CA VAL A 16 -1.63 8.88 2.31
C VAL A 16 -1.27 9.96 1.30
N LEU A 17 -0.55 10.98 1.75
CA LEU A 17 0.03 11.95 0.85
C LEU A 17 1.54 11.73 0.88
N ASP A 18 2.10 11.26 -0.23
CA ASP A 18 3.52 10.96 -0.30
C ASP A 18 4.27 12.05 -1.05
N PHE A 19 5.00 12.89 -0.32
CA PHE A 19 5.75 13.99 -0.91
C PHE A 19 7.14 13.54 -1.31
N THR A 20 7.43 12.24 -1.19
CA THR A 20 8.78 11.74 -1.40
C THR A 20 8.93 10.95 -2.70
N ALA A 21 7.83 10.74 -3.42
CA ALA A 21 7.84 9.80 -4.55
C ALA A 21 8.89 10.11 -5.64
N SER A 22 9.09 11.40 -5.89
CA SER A 22 10.03 11.85 -6.92
C SER A 22 11.46 12.00 -6.35
N GLU A 23 11.56 12.14 -5.03
CA GLU A 23 12.83 12.37 -4.35
C GLU A 23 13.98 11.47 -4.79
N ARG A 24 13.69 10.18 -4.97
CA ARG A 24 14.73 9.20 -5.30
C ARG A 24 15.55 8.82 -4.06
N PHE A 25 16.08 9.82 -3.37
CA PHE A 25 16.72 9.60 -2.07
C PHE A 25 15.69 9.75 -0.97
N ASN A 26 15.61 8.74 -0.09
CA ASN A 26 14.63 8.73 0.98
C ASN A 26 13.18 8.59 0.49
N LYS A 27 12.99 7.89 -0.63
CA LYS A 27 11.65 7.53 -1.09
C LYS A 27 11.03 6.56 -0.09
N MET A 28 9.77 6.78 0.26
CA MET A 28 9.07 5.86 1.14
C MET A 28 8.94 4.49 0.47
N PRO A 29 9.36 3.41 1.15
CA PRO A 29 9.34 2.10 0.47
C PRO A 29 7.92 1.58 0.22
N ASN A 30 7.82 0.65 -0.70
CA ASN A 30 6.52 0.19 -1.14
C ASN A 30 5.79 -0.68 -0.11
N ASP A 31 6.52 -1.17 0.90
CA ASP A 31 5.93 -2.03 1.92
C ASP A 31 5.71 -1.25 3.22
N PHE A 32 6.03 0.04 3.20
CA PHE A 32 6.00 0.85 4.42
C PHE A 32 4.61 1.01 5.03
N VAL A 33 3.61 1.32 4.21
CA VAL A 33 2.25 1.47 4.70
C VAL A 33 1.65 0.16 5.24
N ASP A 34 1.91 -0.96 4.58
CA ASP A 34 1.35 -2.24 4.99
C ASP A 34 2.01 -2.73 6.26
N ASN A 35 3.32 -2.49 6.35
CA ASN A 35 4.07 -2.72 7.58
C ASN A 35 3.51 -1.87 8.69
N LEU A 36 3.33 -0.58 8.42
CA LEU A 36 2.81 0.33 9.43
C LEU A 36 1.43 -0.12 9.91
N ILE A 37 0.60 -0.58 8.98
CA ILE A 37 -0.74 -1.04 9.34
C ILE A 37 -0.66 -2.30 10.23
N ASP A 38 0.32 -3.16 9.96
CA ASP A 38 0.53 -4.36 10.78
C ASP A 38 0.94 -3.91 12.16
N ARG A 39 1.77 -2.88 12.20
CA ARG A 39 2.28 -2.36 13.47
C ARG A 39 1.17 -1.78 14.34
N CYS A 40 0.27 -1.02 13.74
CA CYS A 40 -0.88 -0.51 14.47
C CYS A 40 -1.76 -1.67 14.91
N TRP A 41 -1.99 -2.61 14.02
CA TRP A 41 -2.78 -3.81 14.36
C TRP A 41 -2.26 -4.51 15.62
N ARG A 42 -0.94 -4.56 15.76
CA ARG A 42 -0.29 -5.19 16.89
C ARG A 42 -0.58 -4.44 18.19
N LEU A 43 -0.93 -3.15 18.08
CA LEU A 43 -1.21 -2.30 19.24
C LEU A 43 -2.68 -2.35 19.59
N GLY A 44 -3.49 -3.00 18.75
CA GLY A 44 -4.92 -3.01 18.97
C GLY A 44 -5.67 -2.03 18.07
N MET A 45 -4.96 -1.40 17.14
CA MET A 45 -5.61 -0.44 16.26
C MET A 45 -5.78 -0.96 14.84
N GLN A 46 -7.01 -1.29 14.47
CA GLN A 46 -7.28 -1.83 13.13
C GLN A 46 -7.47 -0.73 12.09
N MET A 47 -6.67 -0.73 11.02
CA MET A 47 -6.88 0.22 9.92
C MET A 47 -7.11 -0.54 8.65
N GLU A 48 -7.99 -0.06 7.80
CA GLU A 48 -8.14 -0.64 6.48
C GLU A 48 -7.06 -0.06 5.60
N ALA A 49 -6.94 -0.51 4.35
CA ALA A 49 -6.00 0.13 3.44
C ALA A 49 -6.42 1.59 3.24
N PRO A 50 -5.46 2.49 3.02
CA PRO A 50 -5.89 3.87 2.76
C PRO A 50 -6.70 3.90 1.47
N ILE A 51 -7.84 4.57 1.46
CA ILE A 51 -8.65 4.62 0.24
C ILE A 51 -8.03 5.54 -0.82
N VAL A 52 -7.10 6.40 -0.42
CA VAL A 52 -6.37 7.23 -1.37
C VAL A 52 -4.87 7.24 -1.08
N TYR A 53 -4.07 6.96 -2.10
CA TYR A 53 -2.64 7.19 -2.05
C TYR A 53 -2.32 8.21 -3.15
N LYS A 54 -1.79 9.36 -2.76
CA LYS A 54 -1.50 10.42 -3.72
C LYS A 54 -0.09 10.95 -3.52
N THR A 55 0.65 11.12 -4.61
CA THR A 55 2.01 11.62 -4.52
C THR A 55 1.99 13.10 -4.86
N SER A 56 3.02 13.80 -4.43
CA SER A 56 3.15 15.22 -4.71
C SER A 56 4.62 15.54 -4.53
N ARG A 57 5.06 16.70 -5.00
CA ARG A 57 6.46 17.08 -4.86
C ARG A 57 6.59 17.90 -3.58
N MET A 58 7.75 17.84 -2.93
CA MET A 58 7.97 18.64 -1.72
C MET A 58 7.77 20.12 -2.00
N GLU A 59 8.12 20.54 -3.22
CA GLU A 59 8.00 21.95 -3.59
C GLU A 59 6.57 22.44 -3.34
N THR A 60 5.60 21.57 -3.56
CA THR A 60 4.20 21.97 -3.38
C THR A 60 3.91 22.61 -2.02
N LEU A 61 4.69 22.24 -1.01
CA LEU A 61 4.43 22.72 0.35
C LEU A 61 4.77 24.20 0.54
N SER A 62 5.37 24.80 -0.50
CA SER A 62 5.75 26.21 -0.47
C SER A 62 4.59 27.10 -0.88
N ASN A 63 3.56 26.50 -1.44
CA ASN A 63 2.43 27.24 -1.97
C ASN A 63 1.10 26.90 -1.32
N GLY A 64 0.59 27.79 -0.47
CA GLY A 64 -0.61 27.51 0.28
C GLY A 64 -1.82 27.11 -0.55
N ASN A 65 -2.01 27.79 -1.68
CA ASN A 65 -3.16 27.53 -2.53
C ASN A 65 -3.06 26.16 -3.18
N ALA A 66 -1.84 25.73 -3.49
CA ALA A 66 -1.58 24.40 -4.02
C ALA A 66 -1.77 23.29 -2.97
N ILE A 67 -1.43 23.58 -1.72
CA ILE A 67 -1.70 22.66 -0.62
C ILE A 67 -3.19 22.43 -0.49
N GLU A 68 -3.95 23.51 -0.46
CA GLU A 68 -5.40 23.45 -0.29
C GLU A 68 -6.07 22.63 -1.39
N GLU A 69 -5.57 22.79 -2.61
CA GLU A 69 -6.13 22.07 -3.74
C GLU A 69 -5.73 20.59 -3.65
N LEU A 70 -4.48 20.32 -3.31
CA LEU A 70 -4.03 18.96 -3.13
C LEU A 70 -4.95 18.20 -2.16
N LEU A 71 -5.20 18.79 -0.99
CA LEU A 71 -6.07 18.19 0.02
C LEU A 71 -7.48 17.99 -0.52
N ARG A 72 -7.97 18.98 -1.26
CA ARG A 72 -9.32 18.89 -1.78
C ARG A 72 -9.41 17.82 -2.90
N SER A 73 -8.30 17.54 -3.56
CA SER A 73 -8.33 16.51 -4.60
C SER A 73 -8.24 15.12 -3.98
N VAL A 74 -7.54 15.00 -2.85
CA VAL A 74 -7.58 13.77 -2.06
C VAL A 74 -9.01 13.46 -1.66
N ILE A 75 -9.74 14.48 -1.21
CA ILE A 75 -11.11 14.29 -0.73
C ILE A 75 -12.00 13.87 -1.89
N ASP A 76 -11.83 14.53 -3.01
CA ASP A 76 -12.62 14.23 -4.21
C ASP A 76 -12.34 12.83 -4.76
N GLU A 77 -11.06 12.46 -4.83
CA GLU A 77 -10.68 11.12 -5.27
C GLU A 77 -11.23 10.01 -4.38
N ALA A 78 -11.19 10.20 -3.06
CA ALA A 78 -11.78 9.22 -2.15
C ALA A 78 -13.26 9.07 -2.45
N SER A 79 -13.93 10.19 -2.66
CA SER A 79 -15.36 10.19 -2.91
C SER A 79 -15.69 9.44 -4.17
N ARG A 80 -14.88 9.61 -5.20
CA ARG A 80 -15.18 8.99 -6.49
C ARG A 80 -14.85 7.49 -6.49
N LYS A 81 -13.79 7.11 -5.78
CA LYS A 81 -13.26 5.74 -5.87
C LYS A 81 -13.85 4.83 -4.81
N HIS A 82 -14.58 5.41 -3.87
CA HIS A 82 -15.06 4.65 -2.73
C HIS A 82 -16.42 5.15 -2.28
N GLY A 83 -17.33 5.31 -3.23
CA GLY A 83 -18.72 5.60 -2.92
C GLY A 83 -19.00 6.74 -1.96
N GLY A 84 -18.23 7.82 -2.06
CA GLY A 84 -18.52 9.00 -1.27
C GLY A 84 -17.82 9.08 0.08
N ALA A 85 -16.99 8.09 0.38
CA ALA A 85 -16.25 8.06 1.64
C ALA A 85 -15.40 9.31 1.75
N ARG A 86 -15.26 9.82 2.97
CA ARG A 86 -14.40 10.96 3.21
C ARG A 86 -13.29 10.57 4.18
N PRO A 87 -12.04 10.87 3.83
CA PRO A 87 -10.94 10.47 4.72
C PRO A 87 -10.99 11.29 5.99
N THR A 88 -10.40 10.76 7.05
CA THR A 88 -10.31 11.47 8.30
C THR A 88 -8.84 11.75 8.55
N LEU A 89 -8.07 10.69 8.68
CA LEU A 89 -6.64 10.82 8.85
C LEU A 89 -6.00 10.95 7.48
N VAL A 90 -5.05 11.87 7.39
CA VAL A 90 -4.19 11.96 6.24
C VAL A 90 -2.75 11.87 6.72
N LEU A 91 -2.10 10.76 6.40
CA LEU A 91 -0.72 10.55 6.78
C LEU A 91 0.21 11.19 5.74
N CYS A 92 1.08 12.09 6.17
CA CYS A 92 1.95 12.80 5.21
C CYS A 92 3.40 12.35 5.33
N ALA A 93 3.95 11.81 4.24
CA ALA A 93 5.35 11.39 4.25
C ALA A 93 6.26 12.43 3.60
N MET A 94 7.27 12.89 4.34
CA MET A 94 8.19 13.89 3.80
C MET A 94 9.65 13.46 3.99
N SER A 95 10.54 14.02 3.18
CA SER A 95 11.93 13.57 3.12
C SER A 95 12.85 14.51 3.90
N ARG A 96 12.30 15.61 4.37
CA ARG A 96 13.04 16.55 5.20
C ARG A 96 12.04 17.50 5.84
N LYS A 97 12.44 18.16 6.92
CA LYS A 97 11.54 19.08 7.57
C LYS A 97 11.19 20.18 6.59
N ASP A 98 9.94 20.64 6.67
CA ASP A 98 9.48 21.69 5.77
C ASP A 98 8.35 22.38 6.48
N ASP A 99 8.52 23.66 6.75
CA ASP A 99 7.56 24.43 7.54
C ASP A 99 6.22 24.59 6.82
N GLY A 100 6.18 24.27 5.54
CA GLY A 100 4.93 24.25 4.81
C GLY A 100 3.89 23.33 5.42
N TYR A 101 4.34 22.27 6.10
CA TYR A 101 3.42 21.35 6.75
C TYR A 101 2.50 22.12 7.71
N LYS A 102 3.05 23.11 8.40
CA LYS A 102 2.27 23.93 9.34
C LYS A 102 1.05 24.57 8.65
N THR A 103 1.23 25.05 7.43
CA THR A 103 0.11 25.55 6.62
C THR A 103 -0.83 24.40 6.25
N LEU A 104 -0.25 23.27 5.86
CA LEU A 104 -1.05 22.12 5.45
C LEU A 104 -1.93 21.62 6.61
N LYS A 105 -1.34 21.51 7.78
CA LYS A 105 -2.11 21.10 8.96
C LYS A 105 -3.27 22.05 9.26
N TRP A 106 -3.01 23.36 9.20
CA TRP A 106 -4.06 24.33 9.50
C TRP A 106 -5.23 24.18 8.53
N ILE A 107 -4.95 24.18 7.23
CA ILE A 107 -6.00 23.97 6.22
C ILE A 107 -6.74 22.67 6.47
N ALA A 108 -5.98 21.59 6.58
CA ALA A 108 -6.54 20.25 6.78
C ALA A 108 -7.45 20.16 8.00
N GLU A 109 -6.97 20.65 9.15
CA GLU A 109 -7.69 20.46 10.41
C GLU A 109 -8.76 21.52 10.73
N THR A 110 -8.51 22.77 10.38
CA THR A 110 -9.51 23.79 10.68
C THR A 110 -10.44 24.10 9.50
N LYS A 111 -9.98 23.92 8.27
CA LYS A 111 -10.84 24.19 7.12
C LYS A 111 -11.56 22.94 6.62
N LEU A 112 -10.88 21.78 6.62
CA LEU A 112 -11.42 20.58 5.98
C LEU A 112 -11.87 19.43 6.89
N GLY A 113 -11.78 19.60 8.20
CA GLY A 113 -12.29 18.60 9.12
C GLY A 113 -11.49 17.31 9.07
N LEU A 114 -10.21 17.43 8.75
CA LEU A 114 -9.31 16.29 8.70
C LEU A 114 -8.39 16.25 9.93
N VAL A 115 -7.70 15.13 10.10
CA VAL A 115 -6.67 14.99 11.10
C VAL A 115 -5.41 14.64 10.33
N THR A 116 -4.30 15.32 10.57
CA THR A 116 -3.10 15.00 9.82
C THR A 116 -1.96 14.52 10.71
N GLN A 117 -1.04 13.77 10.13
CA GLN A 117 0.14 13.34 10.84
C GLN A 117 1.29 13.30 9.86
N CYS A 118 2.37 13.98 10.21
CA CYS A 118 3.56 14.05 9.36
C CYS A 118 4.68 13.14 9.86
N PHE A 119 5.55 12.72 8.94
CA PHE A 119 6.75 11.99 9.34
C PHE A 119 7.85 12.06 8.29
N LEU A 120 9.06 11.77 8.73
CA LEU A 120 10.22 11.83 7.85
C LEU A 120 10.68 10.42 7.49
N THR A 121 10.78 10.18 6.20
CA THR A 121 11.09 8.86 5.68
C THR A 121 12.51 8.43 6.02
N GLY A 122 13.43 9.40 6.13
CA GLY A 122 14.80 9.11 6.50
C GLY A 122 14.88 8.31 7.80
N PRO A 123 14.53 8.94 8.91
CA PRO A 123 14.55 8.31 10.25
C PRO A 123 13.62 7.09 10.34
N ALA A 124 12.61 7.02 9.49
CA ALA A 124 11.60 5.97 9.58
C ALA A 124 12.07 4.66 8.95
N THR A 125 13.02 4.76 8.02
CA THR A 125 13.54 3.59 7.34
C THR A 125 14.96 3.34 7.83
N LYS A 126 15.51 2.16 7.52
CA LYS A 126 16.89 1.83 7.89
C LYS A 126 17.25 2.29 9.31
N GLY A 127 17.10 1.38 10.28
CA GLY A 127 17.44 1.67 11.66
C GLY A 127 16.38 2.49 12.34
N GLY A 128 15.13 2.36 11.90
CA GLY A 128 14.07 3.23 12.36
C GLY A 128 12.99 2.59 13.21
N ASP A 129 13.25 1.40 13.74
CA ASP A 129 12.21 0.70 14.50
C ASP A 129 11.53 1.55 15.57
N GLN A 130 12.33 2.32 16.31
CA GLN A 130 11.78 3.10 17.41
C GLN A 130 11.04 4.33 16.89
N TYR A 131 11.51 4.87 15.77
CA TYR A 131 10.82 5.96 15.10
C TYR A 131 9.43 5.49 14.64
N ARG A 132 9.38 4.31 14.04
CA ARG A 132 8.11 3.74 13.54
C ARG A 132 7.14 3.40 14.67
N ALA A 133 7.67 2.83 15.75
CA ALA A 133 6.86 2.61 16.95
C ALA A 133 6.25 3.91 17.46
N ASN A 134 7.03 5.00 17.45
CA ASN A 134 6.49 6.28 17.91
C ASN A 134 5.42 6.83 16.97
N LEU A 135 5.61 6.61 15.67
CA LEU A 135 4.62 7.02 14.67
C LEU A 135 3.29 6.34 14.90
N ALA A 136 3.32 5.02 15.13
CA ALA A 136 2.11 4.24 15.34
C ALA A 136 1.39 4.69 16.60
N LEU A 137 2.15 5.05 17.63
CA LEU A 137 1.58 5.56 18.88
C LEU A 137 0.84 6.89 18.68
N LYS A 138 1.46 7.81 17.93
CA LYS A 138 0.82 9.10 17.61
C LYS A 138 -0.46 8.92 16.80
N MET A 139 -0.40 8.05 15.78
CA MET A 139 -1.57 7.77 14.95
C MET A 139 -2.70 7.22 15.78
N ASN A 140 -2.37 6.25 16.65
CA ASN A 140 -3.35 5.64 17.55
C ASN A 140 -4.03 6.67 18.45
N ALA A 141 -3.24 7.57 19.04
CA ALA A 141 -3.79 8.66 19.87
C ALA A 141 -4.69 9.59 19.08
N LYS A 142 -4.30 9.94 17.85
CA LYS A 142 -5.10 10.86 17.03
C LYS A 142 -6.43 10.25 16.57
N VAL A 143 -6.39 9.01 16.12
CA VAL A 143 -7.59 8.34 15.67
C VAL A 143 -7.67 6.94 16.27
N VAL B 11 -12.90 -12.09 7.71
CA VAL B 11 -12.17 -11.27 6.74
C VAL B 11 -10.79 -11.87 6.46
N LYS B 12 -10.62 -12.42 5.26
CA LYS B 12 -9.39 -13.13 4.86
C LYS B 12 -8.13 -12.24 4.79
N HIS B 13 -6.98 -12.87 5.02
CA HIS B 13 -5.69 -12.18 4.95
C HIS B 13 -5.01 -12.48 3.62
N TRP B 14 -4.23 -11.54 3.12
CA TRP B 14 -3.57 -11.77 1.83
C TRP B 14 -2.25 -11.08 1.74
N ALA B 15 -1.56 -11.25 0.62
CA ALA B 15 -0.22 -10.72 0.48
C ALA B 15 0.00 -10.31 -0.96
N VAL B 16 0.99 -9.45 -1.17
CA VAL B 16 1.39 -9.08 -2.51
C VAL B 16 2.84 -9.46 -2.70
N LEU B 17 3.13 -10.11 -3.81
CA LEU B 17 4.49 -10.43 -4.18
C LEU B 17 4.78 -9.56 -5.40
N ASP B 18 5.76 -8.66 -5.27
CA ASP B 18 6.00 -7.69 -6.34
C ASP B 18 7.31 -8.02 -7.05
N PHE B 19 7.20 -8.50 -8.28
CA PHE B 19 8.39 -8.88 -9.07
C PHE B 19 8.84 -7.75 -10.00
N THR B 20 8.13 -6.63 -9.99
CA THR B 20 8.43 -5.50 -10.89
C THR B 20 9.29 -4.44 -10.20
N ALA B 21 9.65 -4.68 -8.95
CA ALA B 21 10.28 -3.63 -8.13
C ALA B 21 11.60 -3.13 -8.69
N SER B 22 12.56 -4.03 -8.86
CA SER B 22 13.88 -3.66 -9.37
C SER B 22 13.78 -3.19 -10.83
N GLU B 23 12.91 -3.84 -11.59
CA GLU B 23 12.67 -3.47 -12.99
C GLU B 23 12.51 -1.94 -13.13
N ARG B 24 13.50 -1.31 -13.76
CA ARG B 24 13.42 0.12 -14.03
C ARG B 24 12.09 0.52 -14.68
N PHE B 25 11.68 -0.27 -15.67
CA PHE B 25 10.59 0.07 -16.56
C PHE B 25 9.34 -0.80 -16.32
N ASN B 26 8.18 -0.15 -16.26
CA ASN B 26 6.90 -0.81 -16.00
C ASN B 26 6.70 -1.24 -14.55
N LYS B 27 7.38 -0.56 -13.62
CA LYS B 27 7.18 -0.81 -12.19
C LYS B 27 5.69 -0.72 -11.84
N MET B 28 5.30 -1.40 -10.77
CA MET B 28 3.94 -1.28 -10.29
C MET B 28 3.84 0.01 -9.52
N PRO B 29 2.84 0.84 -9.83
CA PRO B 29 2.71 2.16 -9.20
C PRO B 29 2.35 2.04 -7.73
N ASN B 30 2.86 2.99 -6.92
CA ASN B 30 2.62 3.01 -5.48
C ASN B 30 1.16 3.03 -5.06
N ASP B 31 0.27 3.38 -5.99
CA ASP B 31 -1.15 3.48 -5.66
C ASP B 31 -1.98 2.34 -6.23
N PHE B 32 -1.33 1.44 -6.96
CA PHE B 32 -2.09 0.39 -7.65
C PHE B 32 -2.95 -0.46 -6.71
N VAL B 33 -2.34 -1.01 -5.66
CA VAL B 33 -3.06 -1.90 -4.74
C VAL B 33 -4.19 -1.20 -4.03
N ASP B 34 -3.95 0.04 -3.61
CA ASP B 34 -4.98 0.82 -2.95
C ASP B 34 -6.13 1.13 -3.90
N ASN B 35 -5.82 1.45 -5.15
CA ASN B 35 -6.87 1.65 -6.16
C ASN B 35 -7.63 0.36 -6.42
N LEU B 36 -6.91 -0.76 -6.53
CA LEU B 36 -7.54 -2.07 -6.70
C LEU B 36 -8.50 -2.42 -5.58
N ILE B 37 -8.09 -2.17 -4.33
CA ILE B 37 -8.96 -2.42 -3.19
C ILE B 37 -10.22 -1.58 -3.27
N ASP B 38 -10.08 -0.32 -3.69
CA ASP B 38 -11.25 0.54 -3.83
C ASP B 38 -12.16 -0.06 -4.90
N ARG B 39 -11.57 -0.51 -6.00
CA ARG B 39 -12.34 -1.09 -7.09
C ARG B 39 -13.08 -2.36 -6.65
N CYS B 40 -12.36 -3.29 -6.01
CA CYS B 40 -13.03 -4.45 -5.42
C CYS B 40 -14.14 -4.03 -4.48
N TRP B 41 -13.95 -2.94 -3.77
CA TRP B 41 -14.97 -2.48 -2.83
C TRP B 41 -16.21 -2.00 -3.58
N ARG B 42 -15.99 -1.31 -4.70
CA ARG B 42 -17.09 -0.81 -5.51
C ARG B 42 -17.87 -1.97 -6.13
N LEU B 43 -17.21 -3.11 -6.27
CA LEU B 43 -17.84 -4.34 -6.77
C LEU B 43 -18.62 -5.07 -5.68
N GLY B 44 -18.47 -4.66 -4.43
CA GLY B 44 -19.23 -5.26 -3.34
C GLY B 44 -18.41 -6.08 -2.35
N MET B 45 -17.12 -6.28 -2.63
CA MET B 45 -16.25 -7.07 -1.76
C MET B 45 -15.24 -6.23 -0.96
N GLN B 46 -15.41 -6.21 0.36
CA GLN B 46 -14.50 -5.53 1.26
C GLN B 46 -13.22 -6.33 1.54
N MET B 47 -12.06 -5.78 1.22
CA MET B 47 -10.79 -6.36 1.65
C MET B 47 -9.87 -5.46 2.48
N GLU B 48 -9.05 -6.10 3.33
CA GLU B 48 -8.01 -5.44 4.11
C GLU B 48 -6.85 -5.07 3.22
N ALA B 49 -5.96 -4.23 3.74
CA ALA B 49 -4.65 -4.06 3.13
C ALA B 49 -3.92 -5.40 3.23
N PRO B 50 -3.04 -5.71 2.26
CA PRO B 50 -2.30 -6.97 2.35
C PRO B 50 -1.44 -6.95 3.59
N ILE B 51 -1.37 -8.04 4.35
CA ILE B 51 -0.56 -7.98 5.56
C ILE B 51 0.91 -8.17 5.25
N VAL B 52 1.21 -8.65 4.05
CA VAL B 52 2.59 -8.80 3.61
C VAL B 52 2.75 -8.21 2.22
N TYR B 53 3.75 -7.35 2.06
CA TYR B 53 4.12 -6.85 0.74
C TYR B 53 5.59 -7.16 0.60
N LYS B 54 5.94 -7.98 -0.38
CA LYS B 54 7.32 -8.42 -0.50
C LYS B 54 7.74 -8.29 -1.95
N THR B 55 8.93 -7.75 -2.18
CA THR B 55 9.45 -7.69 -3.52
C THR B 55 10.41 -8.86 -3.69
N SER B 56 10.54 -9.33 -4.93
CA SER B 56 11.49 -10.36 -5.27
C SER B 56 11.95 -10.10 -6.71
N ARG B 57 13.16 -10.55 -7.03
CA ARG B 57 13.69 -10.45 -8.38
C ARG B 57 13.01 -11.51 -9.27
N MET B 58 12.85 -11.23 -10.56
CA MET B 58 12.30 -12.21 -11.49
C MET B 58 13.10 -13.50 -11.50
N GLU B 59 14.40 -13.38 -11.29
CA GLU B 59 15.29 -14.54 -11.22
C GLU B 59 14.75 -15.63 -10.31
N THR B 60 14.05 -15.23 -9.26
CA THR B 60 13.53 -16.19 -8.29
C THR B 60 12.67 -17.24 -8.97
N LEU B 61 11.96 -16.83 -10.03
CA LEU B 61 10.99 -17.69 -10.69
C LEU B 61 11.60 -18.83 -11.52
N SER B 62 12.93 -18.90 -11.55
CA SER B 62 13.60 -19.87 -12.41
C SER B 62 13.99 -21.13 -11.66
N ASN B 63 13.65 -21.19 -10.39
CA ASN B 63 14.18 -22.21 -9.51
C ASN B 63 13.16 -22.58 -8.44
N GLY B 64 12.88 -23.87 -8.29
CA GLY B 64 11.88 -24.33 -7.34
C GLY B 64 12.22 -24.09 -5.89
N ASN B 65 13.48 -24.28 -5.51
CA ASN B 65 13.86 -24.03 -4.14
C ASN B 65 13.74 -22.56 -3.78
N ALA B 66 14.09 -21.69 -4.73
CA ALA B 66 14.02 -20.24 -4.50
C ALA B 66 12.57 -19.77 -4.37
N ILE B 67 11.71 -20.30 -5.24
CA ILE B 67 10.26 -20.06 -5.17
C ILE B 67 9.69 -20.51 -3.83
N GLU B 68 9.99 -21.74 -3.43
CA GLU B 68 9.52 -22.25 -2.14
C GLU B 68 9.93 -21.35 -0.98
N GLU B 69 11.18 -20.88 -0.97
CA GLU B 69 11.69 -20.00 0.09
C GLU B 69 10.97 -18.67 0.15
N LEU B 70 10.74 -18.10 -1.03
CA LEU B 70 9.96 -16.87 -1.16
C LEU B 70 8.59 -17.08 -0.53
N LEU B 71 7.90 -18.14 -0.90
CA LEU B 71 6.56 -18.38 -0.36
C LEU B 71 6.57 -18.60 1.16
N ARG B 72 7.58 -19.27 1.69
CA ARG B 72 7.62 -19.48 3.14
C ARG B 72 7.93 -18.18 3.86
N SER B 73 8.78 -17.33 3.30
CA SER B 73 9.10 -16.07 3.97
C SER B 73 7.86 -15.18 4.04
N VAL B 74 7.01 -15.25 3.01
CA VAL B 74 5.72 -14.56 3.06
C VAL B 74 4.90 -15.09 4.24
N ILE B 75 4.87 -16.40 4.42
CA ILE B 75 4.10 -16.99 5.49
C ILE B 75 4.69 -16.65 6.86
N ASP B 76 6.01 -16.72 6.95
CA ASP B 76 6.70 -16.34 8.18
C ASP B 76 6.47 -14.88 8.53
N GLU B 77 6.61 -14.00 7.54
CA GLU B 77 6.44 -12.57 7.81
C GLU B 77 5.02 -12.26 8.25
N ALA B 78 4.02 -12.84 7.58
CA ALA B 78 2.65 -12.59 7.96
C ALA B 78 2.47 -12.97 9.43
N SER B 79 3.05 -14.12 9.81
CA SER B 79 2.88 -14.64 11.16
C SER B 79 3.48 -13.72 12.22
N ARG B 80 4.69 -13.25 11.93
CA ARG B 80 5.47 -12.41 12.85
C ARG B 80 4.89 -11.02 13.05
N LYS B 81 4.45 -10.40 11.96
CA LYS B 81 3.97 -9.03 12.02
C LYS B 81 2.50 -8.93 12.34
N HIS B 82 1.81 -10.05 12.40
CA HIS B 82 0.37 -9.98 12.53
C HIS B 82 -0.18 -11.13 13.38
N GLY B 83 0.47 -11.41 14.49
CA GLY B 83 -0.07 -12.34 15.48
C GLY B 83 -0.46 -13.70 14.92
N GLY B 84 0.41 -14.27 14.10
CA GLY B 84 0.18 -15.62 13.58
C GLY B 84 -0.83 -15.69 12.45
N ALA B 85 -1.31 -14.55 11.98
CA ALA B 85 -2.19 -14.55 10.80
C ALA B 85 -1.54 -15.32 9.66
N ARG B 86 -2.33 -16.02 8.87
CA ARG B 86 -1.83 -16.70 7.69
C ARG B 86 -2.59 -16.25 6.44
N PRO B 87 -1.87 -15.75 5.43
CA PRO B 87 -2.53 -15.32 4.19
C PRO B 87 -3.10 -16.52 3.43
N THR B 88 -4.19 -16.32 2.72
CA THR B 88 -4.73 -17.37 1.86
C THR B 88 -4.66 -17.01 0.39
N LEU B 89 -4.36 -15.76 0.07
CA LEU B 89 -4.21 -15.33 -1.32
C LEU B 89 -2.92 -14.53 -1.49
N VAL B 90 -2.21 -14.75 -2.59
CA VAL B 90 -1.03 -13.98 -2.92
C VAL B 90 -1.20 -13.38 -4.31
N LEU B 91 -1.24 -12.06 -4.39
CA LEU B 91 -1.33 -11.40 -5.69
C LEU B 91 0.09 -11.12 -6.18
N CYS B 92 0.46 -11.71 -7.31
CA CYS B 92 1.80 -11.59 -7.86
C CYS B 92 1.80 -10.60 -9.02
N ALA B 93 2.66 -9.58 -8.95
CA ALA B 93 2.75 -8.58 -10.00
C ALA B 93 4.03 -8.78 -10.82
N MET B 94 3.89 -8.88 -12.13
CA MET B 94 5.05 -9.08 -13.00
C MET B 94 5.02 -8.16 -14.20
N SER B 95 6.20 -7.84 -14.70
CA SER B 95 6.34 -6.97 -15.88
C SER B 95 6.30 -7.74 -17.20
N ARG B 96 6.67 -9.01 -17.16
CA ARG B 96 6.69 -9.87 -18.35
C ARG B 96 6.23 -11.26 -17.98
N LYS B 97 5.62 -11.97 -18.92
CA LYS B 97 5.23 -13.36 -18.70
C LYS B 97 6.46 -14.18 -18.33
N ASP B 98 6.26 -15.14 -17.43
CA ASP B 98 7.34 -16.03 -17.02
C ASP B 98 6.75 -17.38 -16.60
N ASP B 99 7.17 -18.43 -17.30
CA ASP B 99 6.67 -19.78 -17.06
C ASP B 99 6.92 -20.24 -15.64
N GLY B 100 7.88 -19.60 -14.97
CA GLY B 100 8.21 -19.96 -13.61
C GLY B 100 7.02 -19.78 -12.69
N TYR B 101 6.07 -18.94 -13.09
CA TYR B 101 4.91 -18.68 -12.25
C TYR B 101 4.07 -19.93 -12.05
N LYS B 102 4.04 -20.79 -13.04
CA LYS B 102 3.25 -22.03 -12.96
C LYS B 102 3.79 -22.96 -11.88
N THR B 103 5.11 -22.93 -11.66
CA THR B 103 5.71 -23.71 -10.59
C THR B 103 5.34 -23.12 -9.23
N LEU B 104 5.33 -21.79 -9.15
CA LEU B 104 4.96 -21.10 -7.93
C LEU B 104 3.50 -21.36 -7.58
N LYS B 105 2.63 -21.23 -8.58
CA LYS B 105 1.21 -21.46 -8.37
C LYS B 105 0.97 -22.87 -7.84
N TRP B 106 1.62 -23.85 -8.47
CA TRP B 106 1.41 -25.25 -8.10
C TRP B 106 1.91 -25.54 -6.68
N ILE B 107 3.14 -25.12 -6.38
CA ILE B 107 3.67 -25.30 -5.03
C ILE B 107 2.76 -24.61 -4.02
N ALA B 108 2.51 -23.31 -4.24
CA ALA B 108 1.67 -22.51 -3.34
C ALA B 108 0.29 -23.13 -3.10
N GLU B 109 -0.37 -23.56 -4.16
CA GLU B 109 -1.77 -24.04 -4.05
C GLU B 109 -1.90 -25.51 -3.62
N THR B 110 -0.88 -26.31 -3.91
CA THR B 110 -0.87 -27.74 -3.57
C THR B 110 -0.35 -28.03 -2.17
N LYS B 111 0.69 -27.32 -1.74
CA LYS B 111 1.45 -27.68 -0.55
C LYS B 111 1.38 -26.61 0.56
N LEU B 112 1.01 -25.38 0.20
CA LEU B 112 1.02 -24.30 1.19
C LEU B 112 -0.34 -23.68 1.46
N GLY B 113 -1.37 -24.17 0.77
CA GLY B 113 -2.71 -23.67 1.03
C GLY B 113 -2.84 -22.20 0.69
N LEU B 114 -2.15 -21.79 -0.38
CA LEU B 114 -2.12 -20.42 -0.83
C LEU B 114 -2.70 -20.31 -2.22
N VAL B 115 -3.78 -19.55 -2.37
CA VAL B 115 -4.27 -19.26 -3.69
C VAL B 115 -3.43 -18.15 -4.28
N THR B 116 -3.14 -18.21 -5.57
CA THR B 116 -2.34 -17.16 -6.19
C THR B 116 -3.04 -16.59 -7.40
N GLN B 117 -2.73 -15.33 -7.71
CA GLN B 117 -3.28 -14.64 -8.86
C GLN B 117 -2.15 -13.84 -9.47
N CYS B 118 -1.90 -14.00 -10.77
CA CYS B 118 -0.86 -13.24 -11.45
C CYS B 118 -1.52 -12.16 -12.28
N PHE B 119 -0.78 -11.10 -12.56
CA PHE B 119 -1.20 -10.08 -13.52
C PHE B 119 0.04 -9.36 -14.04
N LEU B 120 -0.07 -8.74 -15.20
CA LEU B 120 1.06 -8.03 -15.79
C LEU B 120 0.81 -6.54 -15.69
N THR B 121 1.84 -5.79 -15.32
CA THR B 121 1.67 -4.38 -14.98
C THR B 121 1.50 -3.50 -16.21
N GLY B 122 2.22 -3.81 -17.28
CA GLY B 122 2.04 -3.12 -18.55
C GLY B 122 0.56 -2.95 -18.87
N PRO B 123 -0.11 -4.06 -19.20
CA PRO B 123 -1.55 -4.05 -19.52
C PRO B 123 -2.42 -3.45 -18.42
N ALA B 124 -1.94 -3.49 -17.18
CA ALA B 124 -2.74 -3.04 -16.03
C ALA B 124 -2.74 -1.52 -15.89
N THR B 125 -1.62 -0.90 -16.25
CA THR B 125 -1.45 0.55 -16.14
C THR B 125 -2.15 1.32 -17.27
N LYS B 126 -1.37 1.80 -18.24
CA LYS B 126 -1.90 2.65 -19.30
C LYS B 126 -2.99 1.99 -20.15
N GLY B 127 -4.10 2.71 -20.33
CA GLY B 127 -5.25 2.18 -21.03
C GLY B 127 -5.72 0.86 -20.43
N GLY B 128 -5.56 0.71 -19.12
CA GLY B 128 -5.81 -0.55 -18.46
C GLY B 128 -7.12 -0.69 -17.71
N ASP B 129 -8.09 0.20 -17.96
CA ASP B 129 -9.31 0.18 -17.17
C ASP B 129 -10.03 -1.17 -17.20
N GLN B 130 -10.07 -1.79 -18.37
CA GLN B 130 -10.78 -3.06 -18.53
C GLN B 130 -9.98 -4.23 -17.94
N TYR B 131 -8.67 -4.20 -18.13
CA TYR B 131 -7.80 -5.20 -17.52
C TYR B 131 -7.98 -5.18 -16.00
N ARG B 132 -7.88 -3.98 -15.41
CA ARG B 132 -8.03 -3.81 -13.97
C ARG B 132 -9.40 -4.28 -13.49
N ALA B 133 -10.45 -3.96 -14.24
CA ALA B 133 -11.79 -4.44 -13.89
C ALA B 133 -11.82 -5.97 -13.88
N ASN B 134 -11.14 -6.57 -14.86
CA ASN B 134 -11.04 -8.01 -14.97
C ASN B 134 -10.35 -8.58 -13.74
N LEU B 135 -9.16 -8.04 -13.48
CA LEU B 135 -8.37 -8.39 -12.30
C LEU B 135 -9.21 -8.27 -11.02
N ALA B 136 -9.99 -7.20 -10.92
CA ALA B 136 -10.85 -7.02 -9.76
C ALA B 136 -11.89 -8.13 -9.70
N LEU B 137 -12.40 -8.53 -10.86
CA LEU B 137 -13.38 -9.62 -10.92
C LEU B 137 -12.79 -10.93 -10.37
N LYS B 138 -11.66 -11.34 -10.93
CA LYS B 138 -10.93 -12.52 -10.47
C LYS B 138 -10.59 -12.47 -8.97
N MET B 139 -10.02 -11.36 -8.52
CA MET B 139 -9.73 -11.16 -7.10
C MET B 139 -10.96 -11.47 -6.26
N ASN B 140 -12.12 -11.09 -6.80
CA ASN B 140 -13.40 -11.29 -6.12
C ASN B 140 -13.70 -12.76 -5.96
N ALA B 141 -13.59 -13.49 -7.07
CA ALA B 141 -13.86 -14.92 -7.10
C ALA B 141 -13.10 -15.63 -5.99
N LYS B 142 -12.02 -15.01 -5.52
CA LYS B 142 -11.18 -15.63 -4.49
C LYS B 142 -11.19 -14.81 -3.21
S SO4 C . -16.52 22.50 0.89
O1 SO4 C . -16.27 23.84 1.42
O2 SO4 C . -15.66 22.29 -0.26
O3 SO4 C . -16.20 21.52 1.91
O4 SO4 C . -17.93 22.36 0.48
S SO4 D . 1.96 16.46 13.66
O1 SO4 D . 0.66 17.00 13.26
O2 SO4 D . 2.98 17.50 13.74
O3 SO4 D . 1.82 15.83 14.98
O4 SO4 D . 2.37 15.50 12.67
S SO4 E . -17.53 1.23 4.42
O1 SO4 E . -18.49 2.25 4.00
O2 SO4 E . -16.19 1.62 3.94
O3 SO4 E . -17.53 1.16 5.88
O4 SO4 E . -17.86 -0.07 3.85
S SO4 F . 8.40 -3.35 10.79
O1 SO4 F . 8.21 -1.98 11.22
O2 SO4 F . 9.71 -3.56 10.20
O3 SO4 F . 8.18 -4.21 11.96
O4 SO4 F . 7.42 -3.69 9.76
S SO4 G . -7.65 9.25 -10.59
O1 SO4 G . -7.70 10.03 -9.35
O2 SO4 G . -6.93 10.01 -11.59
O3 SO4 G . -6.96 7.97 -10.37
O4 SO4 G . -9.02 8.99 -11.04
S SO4 H . 11.24 18.75 -5.15
O1 SO4 H . 10.07 19.42 -4.60
O2 SO4 H . 12.18 18.41 -4.07
O3 SO4 H . 10.80 17.53 -5.83
O4 SO4 H . 11.88 19.66 -6.07
S SO4 I . -13.30 6.39 9.78
O1 SO4 I . -14.55 6.77 9.08
O2 SO4 I . -13.12 7.24 10.97
O3 SO4 I . -13.42 4.97 10.14
O4 SO4 I . -12.11 6.56 8.91
S SO4 J . -3.58 -17.07 -12.66
O1 SO4 J . -3.07 -15.72 -12.89
O2 SO4 J . -3.02 -17.61 -11.43
O3 SO4 J . -5.04 -17.05 -12.56
O4 SO4 J . -3.21 -17.92 -13.79
S SO4 K . -8.84 3.11 -11.17
O1 SO4 K . -9.93 3.38 -10.25
O2 SO4 K . -7.52 3.28 -10.55
O3 SO4 K . -8.97 1.73 -11.62
O4 SO4 K . -8.94 4.04 -12.28
#